data_3LUJ
#
_entry.id   3LUJ
#
_cell.length_a   40.670
_cell.length_b   47.089
_cell.length_c   66.393
_cell.angle_alpha   86.08
_cell.angle_beta   72.99
_cell.angle_gamma   83.78
#
_symmetry.space_group_name_H-M   'P 1'
#
loop_
_entity.id
_entity.type
_entity.pdbx_description
1 polymer 'Protein argonaute-2'
2 non-polymer "URIDINE-5'-MONOPHOSPHATE"
3 water water
#
_entity_poly.entity_id   1
_entity_poly.type   'polypeptide(L)'
_entity_poly.pdbx_seq_one_letter_code
;SNKQFHTGIEIKVWAIACFAPQRQCTEVHLKSFTEQLRKISRDAGMPIQGQPCFCKYAQGADSVEPMFRHLKNTYAGLQL
VVVILPGKTPVYAEVKRVGDTVLGMATQCVQMKNVQRTTPQTLSNLCLKINVKLGGVN
;
_entity_poly.pdbx_strand_id   A,B,C
#
loop_
_chem_comp.id
_chem_comp.type
_chem_comp.name
_chem_comp.formula
U5P non-polymer URIDINE-5'-MONOPHOSPHATE 'C9 H13 N2 O9 P'
#
# COMPACT_ATOMS: atom_id res chain seq x y z
N LYS A 3 38.56 6.18 -10.33
CA LYS A 3 39.60 7.10 -9.88
C LYS A 3 39.77 6.98 -8.37
N GLN A 4 40.69 7.76 -7.81
CA GLN A 4 40.94 7.74 -6.37
C GLN A 4 39.93 8.56 -5.57
N PHE A 5 39.65 8.09 -4.36
CA PHE A 5 38.74 8.76 -3.44
C PHE A 5 39.32 10.09 -2.94
N HIS A 6 38.54 11.17 -3.08
CA HIS A 6 38.96 12.49 -2.61
C HIS A 6 38.41 12.79 -1.23
N THR A 7 39.28 13.27 -0.34
CA THR A 7 38.85 13.63 1.00
C THR A 7 38.56 15.12 1.07
N GLY A 8 37.98 15.55 2.20
CA GLY A 8 37.75 16.97 2.45
C GLY A 8 36.42 17.51 1.94
N ILE A 9 35.63 16.63 1.31
CA ILE A 9 34.35 17.04 0.77
C ILE A 9 33.27 16.96 1.85
N GLU A 10 32.53 18.06 2.02
CA GLU A 10 31.36 18.09 2.88
C GLU A 10 30.25 18.77 2.10
N ILE A 11 29.14 18.06 1.90
CA ILE A 11 28.00 18.64 1.18
C ILE A 11 26.94 19.13 2.15
N LYS A 12 26.97 20.44 2.42
CA LYS A 12 26.07 21.06 3.38
C LYS A 12 24.82 21.63 2.72
N VAL A 13 24.96 22.17 1.52
CA VAL A 13 23.82 22.76 0.83
C VAL A 13 23.54 22.00 -0.45
N TRP A 14 22.45 21.25 -0.47
CA TRP A 14 22.09 20.47 -1.63
C TRP A 14 20.57 20.36 -1.76
N ALA A 15 20.12 20.03 -2.98
CA ALA A 15 18.70 20.01 -3.27
C ALA A 15 18.30 18.67 -3.88
N ILE A 16 17.03 18.32 -3.75
CA ILE A 16 16.45 17.19 -4.44
C ILE A 16 15.40 17.67 -5.43
N ALA A 17 15.56 17.23 -6.67
CA ALA A 17 14.53 17.44 -7.68
C ALA A 17 14.03 16.08 -8.13
N CYS A 18 12.80 15.76 -7.76
CA CYS A 18 12.24 14.46 -8.07
C CYS A 18 11.34 14.49 -9.28
N PHE A 19 11.85 13.99 -10.40
CA PHE A 19 11.07 13.93 -11.63
C PHE A 19 10.23 12.67 -11.74
N ALA A 20 10.39 11.76 -10.78
CA ALA A 20 9.55 10.59 -10.68
C ALA A 20 8.24 10.98 -10.02
N PRO A 21 7.13 10.36 -10.45
CA PRO A 21 5.82 10.67 -9.88
C PRO A 21 5.79 10.41 -8.38
N GLN A 22 5.22 11.34 -7.62
CA GLN A 22 5.09 11.17 -6.19
C GLN A 22 4.43 9.84 -5.82
N ARG A 23 3.41 9.45 -6.59
CA ARG A 23 2.68 8.22 -6.31
C ARG A 23 3.58 6.98 -6.49
N GLN A 24 4.67 7.12 -7.23
CA GLN A 24 5.64 6.03 -7.36
C GLN A 24 6.86 6.19 -6.45
N CYS A 25 7.27 7.43 -6.21
CA CYS A 25 8.42 7.69 -5.34
C CYS A 25 7.98 8.69 -4.26
N THR A 26 7.48 8.18 -3.13
CA THR A 26 6.79 9.00 -2.15
C THR A 26 7.73 9.78 -1.24
N GLU A 27 7.15 10.63 -0.41
CA GLU A 27 7.97 11.40 0.51
C GLU A 27 8.77 10.45 1.41
N VAL A 28 8.15 9.38 1.89
CA VAL A 28 8.89 8.48 2.78
C VAL A 28 10.04 7.78 2.07
N HIS A 29 9.87 7.50 0.76
CA HIS A 29 10.92 6.89 -0.04
C HIS A 29 12.08 7.85 -0.13
N LEU A 30 11.75 9.12 -0.36
CA LEU A 30 12.78 10.17 -0.44
C LEU A 30 13.52 10.32 0.90
N LYS A 31 12.79 10.37 2.00
CA LYS A 31 13.38 10.57 3.32
C LYS A 31 14.23 9.37 3.74
N SER A 32 13.78 8.17 3.39
CA SER A 32 14.56 6.95 3.70
C SER A 32 15.87 6.91 2.93
N PHE A 33 15.78 7.14 1.61
CA PHE A 33 16.94 7.18 0.73
C PHE A 33 17.96 8.21 1.22
N THR A 34 17.48 9.37 1.63
CA THR A 34 18.34 10.45 2.06
C THR A 34 19.08 10.07 3.33
N GLU A 35 18.36 9.45 4.27
CA GLU A 35 18.97 8.93 5.51
C GLU A 35 20.03 7.87 5.24
N GLN A 36 19.74 6.92 4.35
CA GLN A 36 20.74 5.90 4.01
C GLN A 36 21.95 6.54 3.35
N LEU A 37 21.72 7.56 2.54
CA LEU A 37 22.80 8.27 1.86
C LEU A 37 23.64 9.09 2.85
N ARG A 38 22.98 9.72 3.82
CA ARG A 38 23.68 10.48 4.85
C ARG A 38 24.65 9.58 5.59
N LYS A 39 24.16 8.42 6.00
CA LYS A 39 24.98 7.52 6.79
C LYS A 39 26.20 6.98 6.03
N ILE A 40 26.00 6.49 4.80
CA ILE A 40 27.14 5.91 4.08
C ILE A 40 28.14 6.98 3.65
N SER A 41 27.64 8.12 3.18
CA SER A 41 28.53 9.22 2.79
C SER A 41 29.37 9.69 3.99
N ARG A 42 28.73 9.80 5.16
CA ARG A 42 29.41 10.13 6.42
C ARG A 42 30.51 9.10 6.69
N ASP A 43 30.17 7.82 6.60
CA ASP A 43 31.10 6.74 6.90
C ASP A 43 32.31 6.74 5.95
N ALA A 44 32.07 7.08 4.69
CA ALA A 44 33.11 7.19 3.67
C ALA A 44 34.00 8.43 3.83
N GLY A 45 33.57 9.38 4.65
CA GLY A 45 34.32 10.61 4.82
C GLY A 45 34.02 11.66 3.76
N MET A 46 32.81 11.63 3.21
CA MET A 46 32.33 12.68 2.32
C MET A 46 30.90 13.02 2.72
N PRO A 47 30.71 13.48 3.96
CA PRO A 47 29.36 13.58 4.53
C PRO A 47 28.40 14.50 3.76
N ILE A 48 27.22 13.97 3.43
CA ILE A 48 26.14 14.76 2.89
C ILE A 48 25.15 15.02 4.01
N GLN A 49 24.86 16.27 4.31
CA GLN A 49 23.98 16.55 5.43
C GLN A 49 22.57 16.01 5.20
N GLY A 50 21.93 15.57 6.28
CA GLY A 50 20.65 14.90 6.20
C GLY A 50 19.53 15.75 5.62
N GLN A 51 19.61 17.06 5.78
CA GLN A 51 18.49 17.91 5.41
C GLN A 51 18.77 18.72 4.14
N PRO A 52 18.13 18.35 3.02
CA PRO A 52 18.35 19.14 1.80
C PRO A 52 17.67 20.49 1.94
N CYS A 53 18.21 21.51 1.30
CA CYS A 53 17.67 22.86 1.38
C CYS A 53 16.35 23.00 0.62
N PHE A 54 16.01 22.02 -0.21
CA PHE A 54 14.91 22.11 -1.15
C PHE A 54 14.63 20.68 -1.60
N CYS A 55 13.37 20.30 -1.65
CA CYS A 55 12.97 18.98 -2.17
C CYS A 55 11.59 19.12 -2.78
N LYS A 56 11.52 19.04 -4.10
CA LYS A 56 10.25 19.15 -4.80
C LYS A 56 10.09 18.16 -5.97
N TYR A 57 8.85 17.84 -6.28
CA TYR A 57 8.51 17.01 -7.43
C TYR A 57 8.34 17.94 -8.63
N ALA A 58 8.73 17.46 -9.80
CA ALA A 58 8.54 18.18 -11.05
C ALA A 58 8.20 17.16 -12.11
N GLN A 59 7.62 17.61 -13.22
CA GLN A 59 7.25 16.71 -14.28
C GLN A 59 7.70 17.29 -15.61
N GLY A 60 8.40 16.49 -16.42
CA GLY A 60 8.79 16.89 -17.76
C GLY A 60 10.04 17.74 -17.89
N ALA A 61 10.74 17.55 -18.99
CA ALA A 61 11.97 18.28 -19.27
C ALA A 61 11.79 19.81 -19.21
N ASP A 62 10.63 20.33 -19.60
CA ASP A 62 10.45 21.80 -19.60
C ASP A 62 10.47 22.41 -18.21
N SER A 63 10.29 21.58 -17.18
CA SER A 63 10.32 22.06 -15.80
C SER A 63 11.72 22.23 -15.28
N VAL A 64 12.69 21.62 -15.95
CA VAL A 64 14.06 21.65 -15.49
C VAL A 64 14.64 23.05 -15.41
N GLU A 65 14.63 23.78 -16.53
CA GLU A 65 15.28 25.09 -16.56
C GLU A 65 14.73 26.08 -15.53
N PRO A 66 13.40 26.21 -15.44
CA PRO A 66 12.83 27.14 -14.45
C PRO A 66 13.18 26.72 -13.02
N MET A 67 13.08 25.43 -12.71
CA MET A 67 13.44 24.98 -11.37
C MET A 67 14.90 25.30 -11.04
N PHE A 68 15.81 24.97 -11.96
CA PHE A 68 17.24 25.17 -11.72
C PHE A 68 17.61 26.65 -11.59
N ARG A 69 17.00 27.51 -12.40
CA ARG A 69 17.19 28.95 -12.22
C ARG A 69 16.73 29.38 -10.84
N HIS A 70 15.54 28.90 -10.45
CA HIS A 70 15.02 29.17 -9.12
C HIS A 70 16.01 28.76 -8.04
N LEU A 71 16.53 27.54 -8.13
CA LEU A 71 17.51 27.04 -7.17
C LEU A 71 18.74 27.96 -7.08
N LYS A 72 19.31 28.31 -8.23
CA LYS A 72 20.52 29.15 -8.25
C LYS A 72 20.21 30.54 -7.67
N ASN A 73 19.00 31.02 -7.93
CA ASN A 73 18.61 32.35 -7.46
C ASN A 73 18.24 32.43 -5.97
N THR A 74 18.07 31.28 -5.35
CA THR A 74 17.48 31.24 -4.02
C THR A 74 18.43 30.73 -2.94
N TYR A 75 19.25 29.71 -3.27
CA TYR A 75 20.13 29.08 -2.28
C TYR A 75 21.62 29.36 -2.51
N ALA A 76 22.15 30.35 -1.80
CA ALA A 76 23.57 30.63 -1.86
C ALA A 76 24.33 29.40 -1.36
N GLY A 77 25.42 29.05 -2.03
CA GLY A 77 26.28 27.96 -1.60
C GLY A 77 25.76 26.59 -1.98
N LEU A 78 24.72 26.57 -2.80
CA LEU A 78 24.22 25.32 -3.35
C LEU A 78 25.39 24.56 -3.98
N GLN A 79 25.59 23.31 -3.56
CA GLN A 79 26.72 22.50 -4.00
C GLN A 79 26.34 21.39 -4.98
N LEU A 80 25.09 20.96 -4.94
CA LEU A 80 24.64 19.77 -5.69
C LEU A 80 23.12 19.70 -5.78
N VAL A 81 22.62 19.33 -6.96
CA VAL A 81 21.22 18.95 -7.11
C VAL A 81 21.14 17.46 -7.46
N VAL A 82 20.56 16.69 -6.54
CA VAL A 82 20.29 15.27 -6.78
C VAL A 82 18.98 15.15 -7.53
N VAL A 83 19.03 14.53 -8.70
CA VAL A 83 17.86 14.50 -9.57
C VAL A 83 17.35 13.07 -9.70
N ILE A 84 16.10 12.84 -9.31
CA ILE A 84 15.53 11.49 -9.38
C ILE A 84 14.82 11.31 -10.70
N LEU A 85 15.20 10.29 -11.45
CA LEU A 85 14.63 10.02 -12.77
C LEU A 85 13.79 8.73 -12.80
N PRO A 86 12.59 8.78 -13.42
CA PRO A 86 11.82 7.55 -13.61
C PRO A 86 12.24 6.84 -14.90
N GLY A 87 13.27 6.01 -14.85
CA GLY A 87 13.74 5.33 -16.05
C GLY A 87 14.33 6.25 -17.11
N LYS A 88 14.34 5.78 -18.35
CA LYS A 88 14.88 6.54 -19.49
C LYS A 88 13.97 7.71 -19.81
N THR A 89 14.54 8.91 -19.85
CA THR A 89 13.74 10.11 -19.99
C THR A 89 14.56 11.27 -20.55
N PRO A 90 13.96 12.06 -21.45
CA PRO A 90 14.59 13.23 -22.04
C PRO A 90 14.93 14.24 -20.94
N VAL A 91 14.41 14.01 -19.73
CA VAL A 91 14.72 14.89 -18.60
C VAL A 91 16.22 14.88 -18.33
N TYR A 92 16.84 13.72 -18.50
CA TYR A 92 18.28 13.60 -18.21
C TYR A 92 19.13 14.51 -19.09
N ALA A 93 18.94 14.44 -20.40
CA ALA A 93 19.63 15.37 -21.30
C ALA A 93 19.39 16.83 -20.93
N GLU A 94 18.16 17.19 -20.55
CA GLU A 94 17.87 18.60 -20.19
C GLU A 94 18.58 19.02 -18.90
N VAL A 95 18.56 18.16 -17.88
CA VAL A 95 19.29 18.40 -16.64
C VAL A 95 20.75 18.70 -16.94
N LYS A 96 21.35 17.89 -17.80
CA LYS A 96 22.76 18.07 -18.15
C LYS A 96 22.99 19.31 -19.02
N ARG A 97 22.07 19.60 -19.94
CA ARG A 97 22.17 20.84 -20.73
C ARG A 97 22.17 22.05 -19.82
N VAL A 98 21.19 22.11 -18.91
CA VAL A 98 21.04 23.26 -18.03
C VAL A 98 22.13 23.35 -16.97
N GLY A 99 22.43 22.24 -16.32
CA GLY A 99 23.43 22.21 -15.26
C GLY A 99 24.87 22.39 -15.75
N ASP A 100 25.25 21.60 -16.75
CA ASP A 100 26.63 21.60 -17.26
C ASP A 100 26.94 22.74 -18.25
N THR A 101 25.95 23.18 -19.01
CA THR A 101 26.18 24.14 -20.08
C THR A 101 25.61 25.54 -19.86
N VAL A 102 24.56 25.66 -19.05
CA VAL A 102 23.88 26.94 -18.91
C VAL A 102 24.13 27.68 -17.59
N LEU A 103 23.96 27.00 -16.46
CA LEU A 103 23.99 27.64 -15.14
C LEU A 103 25.21 27.27 -14.30
N GLY A 104 26.02 26.33 -14.79
CA GLY A 104 27.16 25.85 -14.04
C GLY A 104 26.74 25.28 -12.70
N MET A 105 25.80 24.34 -12.74
CA MET A 105 25.31 23.68 -11.52
C MET A 105 25.61 22.19 -11.55
N ALA A 106 26.30 21.71 -10.52
CA ALA A 106 26.60 20.28 -10.41
C ALA A 106 25.31 19.50 -10.16
N THR A 107 25.11 18.43 -10.93
CA THR A 107 23.93 17.60 -10.77
C THR A 107 24.35 16.16 -10.69
N GLN A 108 23.62 15.38 -9.90
CA GLN A 108 23.82 13.94 -9.85
C GLN A 108 22.49 13.25 -10.01
N CYS A 109 22.32 12.52 -11.10
CA CYS A 109 21.07 11.80 -11.34
C CYS A 109 21.09 10.42 -10.66
N VAL A 110 19.89 9.92 -10.38
CA VAL A 110 19.74 8.61 -9.79
C VAL A 110 18.41 8.06 -10.26
N GLN A 111 18.38 6.74 -10.47
CA GLN A 111 17.18 6.08 -10.94
C GLN A 111 16.19 5.90 -9.80
N MET A 112 14.92 6.14 -10.11
CA MET A 112 13.84 6.00 -9.15
C MET A 112 13.86 4.68 -8.39
N LYS A 113 14.17 3.59 -9.08
CA LYS A 113 14.13 2.28 -8.44
C LYS A 113 15.13 2.16 -7.29
N ASN A 114 16.25 2.87 -7.40
CA ASN A 114 17.28 2.87 -6.35
C ASN A 114 16.99 3.83 -5.20
N VAL A 115 15.92 4.61 -5.35
CA VAL A 115 15.43 5.46 -4.28
C VAL A 115 14.30 4.75 -3.54
N GLN A 116 13.47 4.03 -4.30
CA GLN A 116 12.38 3.26 -3.72
C GLN A 116 12.92 2.18 -2.81
N ARG A 117 13.98 1.53 -3.26
CA ARG A 117 14.66 0.48 -2.50
C ARG A 117 16.16 0.64 -2.66
N THR A 118 16.84 0.96 -1.57
CA THR A 118 18.28 1.17 -1.62
C THR A 118 19.06 -0.12 -1.33
N THR A 119 20.30 -0.17 -1.77
CA THR A 119 21.24 -1.20 -1.33
C THR A 119 22.57 -0.52 -1.05
N PRO A 120 23.39 -1.10 -0.17
CA PRO A 120 24.69 -0.50 0.10
C PRO A 120 25.49 -0.31 -1.17
N GLN A 121 25.41 -1.27 -2.09
CA GLN A 121 26.14 -1.17 -3.34
C GLN A 121 25.69 0.00 -4.23
N THR A 122 24.38 0.20 -4.36
CA THR A 122 23.90 1.30 -5.21
C THR A 122 24.12 2.66 -4.56
N LEU A 123 24.01 2.71 -3.23
CA LEU A 123 24.35 3.93 -2.48
C LEU A 123 25.83 4.23 -2.64
N SER A 124 26.66 3.19 -2.62
CA SER A 124 28.09 3.36 -2.83
C SER A 124 28.37 3.86 -4.24
N ASN A 125 27.70 3.28 -5.23
CA ASN A 125 27.85 3.74 -6.61
C ASN A 125 27.63 5.25 -6.68
N LEU A 126 26.59 5.71 -5.98
CA LEU A 126 26.18 7.12 -6.00
C LEU A 126 27.21 8.02 -5.33
N CYS A 127 27.70 7.59 -4.16
CA CYS A 127 28.73 8.35 -3.46
C CYS A 127 29.97 8.51 -4.32
N LEU A 128 30.32 7.44 -5.03
CA LEU A 128 31.49 7.47 -5.87
C LEU A 128 31.29 8.44 -7.04
N LYS A 129 30.12 8.43 -7.66
CA LYS A 129 29.82 9.39 -8.73
C LYS A 129 29.90 10.84 -8.23
N ILE A 130 29.32 11.08 -7.06
CA ILE A 130 29.35 12.41 -6.45
C ILE A 130 30.77 12.86 -6.10
N ASN A 131 31.60 11.93 -5.65
CA ASN A 131 32.96 12.23 -5.21
C ASN A 131 33.83 12.65 -6.37
N VAL A 132 33.63 12.01 -7.52
CA VAL A 132 34.29 12.41 -8.75
C VAL A 132 33.87 13.83 -9.15
N LYS A 133 32.56 14.07 -9.16
CA LYS A 133 32.06 15.38 -9.59
C LYS A 133 32.57 16.52 -8.72
N LEU A 134 32.45 16.38 -7.41
CA LEU A 134 32.83 17.48 -6.53
C LEU A 134 34.29 17.38 -6.09
N GLY A 135 35.04 16.48 -6.73
CA GLY A 135 36.36 16.12 -6.24
C GLY A 135 37.50 17.03 -6.65
N GLY A 136 37.63 17.30 -7.95
CA GLY A 136 38.73 18.10 -8.46
C GLY A 136 38.39 19.56 -8.72
N LYS B 3 12.97 16.82 10.63
CA LYS B 3 13.76 16.06 11.60
C LYS B 3 14.25 14.73 11.01
N GLN B 4 15.04 14.00 11.78
CA GLN B 4 15.72 12.80 11.26
C GLN B 4 14.78 11.62 11.05
N PHE B 5 14.95 10.96 9.90
CA PHE B 5 14.27 9.71 9.62
C PHE B 5 15.18 8.59 10.08
N HIS B 6 14.60 7.53 10.62
CA HIS B 6 15.37 6.40 11.12
C HIS B 6 15.13 5.15 10.30
N THR B 7 16.20 4.62 9.70
CA THR B 7 16.11 3.41 8.90
C THR B 7 16.71 2.22 9.64
N GLY B 8 16.50 1.01 9.12
CA GLY B 8 16.95 -0.19 9.79
C GLY B 8 16.19 -0.52 11.07
N ILE B 9 14.98 -0.01 11.22
CA ILE B 9 14.17 -0.35 12.38
C ILE B 9 13.16 -1.40 11.98
N GLU B 10 12.65 -2.16 12.95
CA GLU B 10 11.76 -3.28 12.68
C GLU B 10 10.58 -3.31 13.66
N ILE B 11 9.38 -3.15 13.14
CA ILE B 11 8.19 -3.23 13.97
C ILE B 11 7.61 -4.64 13.82
N LYS B 12 7.95 -5.49 14.79
CA LYS B 12 7.57 -6.88 14.72
C LYS B 12 6.31 -7.16 15.54
N VAL B 13 6.16 -6.43 16.64
CA VAL B 13 4.98 -6.59 17.48
C VAL B 13 4.10 -5.34 17.54
N TRP B 14 2.93 -5.43 16.91
CA TRP B 14 2.05 -4.28 16.84
C TRP B 14 0.60 -4.73 16.74
N ALA B 15 -0.32 -3.88 17.19
CA ALA B 15 -1.73 -4.24 17.26
C ALA B 15 -2.59 -3.23 16.54
N ILE B 16 -3.80 -3.64 16.18
CA ILE B 16 -4.79 -2.72 15.63
C ILE B 16 -5.99 -2.61 16.55
N ALA B 17 -6.34 -1.38 16.91
CA ALA B 17 -7.56 -1.13 17.64
C ALA B 17 -8.43 -0.24 16.78
N CYS B 18 -9.49 -0.81 16.22
CA CYS B 18 -10.36 -0.07 15.30
C CYS B 18 -11.56 0.48 16.03
N PHE B 19 -11.64 1.80 16.13
CA PHE B 19 -12.74 2.43 16.83
C PHE B 19 -13.83 2.91 15.87
N ALA B 20 -13.62 2.66 14.58
CA ALA B 20 -14.67 2.85 13.60
C ALA B 20 -15.39 1.52 13.48
N PRO B 21 -16.68 1.53 13.07
CA PRO B 21 -17.46 0.29 13.06
C PRO B 21 -16.97 -0.71 12.00
N GLN B 22 -17.10 -2.01 12.26
CA GLN B 22 -16.69 -2.98 11.26
C GLN B 22 -17.45 -2.75 9.94
N ARG B 23 -18.66 -2.23 10.04
CA ARG B 23 -19.49 -1.99 8.87
C ARG B 23 -18.85 -1.02 7.89
N GLN B 24 -18.01 -0.15 8.41
CA GLN B 24 -17.37 0.83 7.54
C GLN B 24 -15.91 0.47 7.28
N CYS B 25 -15.37 -0.37 8.14
CA CYS B 25 -13.96 -0.73 8.01
C CYS B 25 -13.83 -2.21 8.23
N THR B 26 -14.00 -2.97 7.14
CA THR B 26 -14.14 -4.42 7.24
C THR B 26 -12.80 -5.13 7.32
N GLU B 27 -12.87 -6.45 7.47
CA GLU B 27 -11.65 -7.24 7.57
C GLU B 27 -10.83 -7.13 6.28
N VAL B 28 -11.49 -7.11 5.14
CA VAL B 28 -10.75 -7.05 3.89
C VAL B 28 -10.05 -5.69 3.74
N HIS B 29 -10.68 -4.64 4.25
CA HIS B 29 -10.06 -3.32 4.28
C HIS B 29 -8.80 -3.37 5.13
N LEU B 30 -8.93 -3.93 6.33
CA LEU B 30 -7.80 -4.02 7.26
C LEU B 30 -6.67 -4.87 6.68
N LYS B 31 -7.01 -6.02 6.12
CA LYS B 31 -6.03 -6.93 5.56
C LYS B 31 -5.29 -6.29 4.39
N SER B 32 -6.01 -5.59 3.53
CA SER B 32 -5.40 -4.99 2.36
C SER B 32 -4.49 -3.84 2.74
N PHE B 33 -5.01 -2.97 3.60
CA PHE B 33 -4.23 -1.87 4.17
C PHE B 33 -2.94 -2.37 4.82
N THR B 34 -3.05 -3.41 5.62
CA THR B 34 -1.88 -4.00 6.28
C THR B 34 -0.84 -4.45 5.27
N GLU B 35 -1.27 -5.13 4.21
CA GLU B 35 -0.35 -5.62 3.20
C GLU B 35 0.32 -4.48 2.43
N GLN B 36 -0.45 -3.43 2.11
CA GLN B 36 0.14 -2.26 1.47
C GLN B 36 1.12 -1.56 2.40
N LEU B 37 0.78 -1.51 3.68
CA LEU B 37 1.63 -0.85 4.67
C LEU B 37 2.92 -1.64 4.88
N ARG B 38 2.81 -2.96 4.85
CA ARG B 38 3.95 -3.85 4.93
C ARG B 38 4.98 -3.55 3.83
N LYS B 39 4.53 -3.49 2.58
CA LYS B 39 5.43 -3.30 1.45
C LYS B 39 6.12 -1.95 1.45
N ILE B 40 5.36 -0.89 1.69
CA ILE B 40 5.96 0.44 1.70
C ILE B 40 6.91 0.62 2.91
N SER B 41 6.50 0.18 4.09
CA SER B 41 7.34 0.35 5.29
C SER B 41 8.65 -0.43 5.17
N ARG B 42 8.60 -1.57 4.49
CA ARG B 42 9.81 -2.37 4.29
C ARG B 42 10.75 -1.66 3.33
N ASP B 43 10.21 -1.21 2.20
CA ASP B 43 11.02 -0.49 1.23
C ASP B 43 11.63 0.77 1.83
N ALA B 44 10.96 1.36 2.82
CA ALA B 44 11.44 2.59 3.45
C ALA B 44 12.38 2.32 4.63
N GLY B 45 12.78 1.07 4.79
CA GLY B 45 13.71 0.69 5.83
C GLY B 45 13.14 0.69 7.24
N MET B 46 11.81 0.63 7.37
CA MET B 46 11.19 0.57 8.68
C MET B 46 10.11 -0.49 8.67
N PRO B 47 10.50 -1.73 8.32
CA PRO B 47 9.50 -2.77 8.06
C PRO B 47 8.51 -2.99 9.21
N ILE B 48 7.23 -2.90 8.87
CA ILE B 48 6.16 -3.28 9.78
C ILE B 48 5.75 -4.70 9.41
N GLN B 49 5.85 -5.62 10.36
CA GLN B 49 5.48 -7.01 10.11
C GLN B 49 4.04 -7.11 9.61
N GLY B 50 3.82 -7.92 8.58
CA GLY B 50 2.52 -8.02 7.94
C GLY B 50 1.44 -8.65 8.80
N GLN B 51 1.79 -9.02 10.03
CA GLN B 51 0.86 -9.73 10.90
C GLN B 51 0.71 -9.10 12.28
N PRO B 52 -0.38 -8.33 12.49
CA PRO B 52 -0.60 -7.70 13.80
C PRO B 52 -0.85 -8.78 14.84
N CYS B 53 -0.41 -8.52 16.06
CA CYS B 53 -0.53 -9.52 17.13
C CYS B 53 -1.93 -9.50 17.74
N PHE B 54 -2.70 -8.48 17.37
CA PHE B 54 -4.01 -8.24 17.95
C PHE B 54 -4.71 -7.30 16.99
N CYS B 55 -6.00 -7.52 16.76
CA CYS B 55 -6.78 -6.68 15.86
C CYS B 55 -8.25 -6.78 16.21
N LYS B 56 -8.75 -5.82 16.97
CA LYS B 56 -10.12 -5.90 17.47
C LYS B 56 -10.90 -4.58 17.34
N TYR B 57 -12.22 -4.68 17.24
CA TYR B 57 -13.06 -3.49 17.14
C TYR B 57 -13.48 -3.01 18.52
N ALA B 58 -13.63 -1.71 18.69
CA ALA B 58 -14.14 -1.14 19.92
C ALA B 58 -14.93 0.14 19.65
N GLN B 59 -15.67 0.60 20.64
CA GLN B 59 -16.43 1.83 20.49
C GLN B 59 -16.40 2.66 21.76
N GLY B 60 -16.25 3.97 21.58
CA GLY B 60 -16.35 4.91 22.68
C GLY B 60 -15.06 5.09 23.44
N ALA B 61 -14.88 6.28 24.01
CA ALA B 61 -13.66 6.52 24.79
C ALA B 61 -13.57 5.54 25.96
N ASP B 62 -14.69 5.29 26.62
CA ASP B 62 -14.67 4.48 27.83
C ASP B 62 -14.02 3.11 27.61
N SER B 63 -13.91 2.69 26.36
CA SER B 63 -13.40 1.35 26.08
C SER B 63 -11.89 1.35 25.85
N VAL B 64 -11.29 2.54 25.83
CA VAL B 64 -9.86 2.66 25.52
C VAL B 64 -8.96 2.10 26.63
N GLU B 65 -9.03 2.69 27.83
CA GLU B 65 -8.15 2.26 28.91
C GLU B 65 -8.14 0.75 29.17
N PRO B 66 -9.33 0.14 29.35
CA PRO B 66 -9.40 -1.31 29.56
C PRO B 66 -8.69 -2.12 28.47
N MET B 67 -8.85 -1.70 27.22
CA MET B 67 -8.24 -2.41 26.09
C MET B 67 -6.73 -2.27 26.11
N PHE B 68 -6.27 -1.05 26.33
CA PHE B 68 -4.84 -0.78 26.28
C PHE B 68 -4.13 -1.52 27.41
N ARG B 69 -4.77 -1.54 28.59
CA ARG B 69 -4.23 -2.30 29.71
C ARG B 69 -4.09 -3.78 29.36
N HIS B 70 -5.13 -4.34 28.75
CA HIS B 70 -5.06 -5.73 28.27
C HIS B 70 -3.90 -5.94 27.30
N LEU B 71 -3.73 -5.01 26.36
CA LEU B 71 -2.68 -5.12 25.36
C LEU B 71 -1.30 -5.07 26.02
N LYS B 72 -1.12 -4.09 26.90
CA LYS B 72 0.15 -3.94 27.59
C LYS B 72 0.47 -5.19 28.40
N ASN B 73 -0.51 -5.69 29.15
CA ASN B 73 -0.31 -6.86 30.01
C ASN B 73 -0.24 -8.20 29.28
N THR B 74 -0.71 -8.23 28.04
CA THR B 74 -0.80 -9.50 27.33
C THR B 74 0.30 -9.70 26.30
N TYR B 75 0.70 -8.62 25.65
CA TYR B 75 1.68 -8.70 24.57
C TYR B 75 3.01 -8.05 24.96
N ALA B 76 3.94 -8.87 25.44
CA ALA B 76 5.27 -8.37 25.78
C ALA B 76 5.99 -7.93 24.52
N GLY B 77 6.75 -6.85 24.61
CA GLY B 77 7.49 -6.37 23.45
C GLY B 77 6.62 -5.65 22.44
N LEU B 78 5.37 -5.41 22.79
CA LEU B 78 4.46 -4.63 21.95
C LEU B 78 5.13 -3.29 21.64
N GLN B 79 5.20 -2.90 20.37
CA GLN B 79 5.91 -1.70 19.96
C GLN B 79 4.99 -0.54 19.59
N LEU B 80 3.79 -0.88 19.11
CA LEU B 80 2.89 0.12 18.56
C LEU B 80 1.46 -0.39 18.50
N VAL B 81 0.51 0.49 18.82
CA VAL B 81 -0.91 0.24 18.59
C VAL B 81 -1.36 1.20 17.51
N VAL B 82 -1.74 0.65 16.35
CA VAL B 82 -2.35 1.46 15.30
C VAL B 82 -3.84 1.60 15.61
N VAL B 83 -4.27 2.85 15.73
CA VAL B 83 -5.61 3.16 16.18
C VAL B 83 -6.41 3.79 15.03
N ILE B 84 -7.48 3.12 14.61
CA ILE B 84 -8.29 3.60 13.48
C ILE B 84 -9.50 4.35 14.00
N LEU B 85 -9.65 5.57 13.52
CA LEU B 85 -10.67 6.50 13.96
C LEU B 85 -11.51 6.93 12.77
N PRO B 86 -12.80 7.21 12.98
CA PRO B 86 -13.71 7.64 11.92
C PRO B 86 -13.42 9.07 11.45
N GLY B 87 -12.64 9.79 12.24
CA GLY B 87 -12.45 11.22 12.04
C GLY B 87 -12.48 11.88 13.40
N LYS B 88 -13.02 13.10 13.47
CA LYS B 88 -13.16 13.81 14.75
C LYS B 88 -13.91 12.97 15.78
N THR B 89 -13.27 12.75 16.92
CA THR B 89 -13.88 11.96 17.98
C THR B 89 -13.20 12.17 19.33
N PRO B 90 -13.99 12.13 20.41
CA PRO B 90 -13.48 12.20 21.78
C PRO B 90 -12.48 11.08 22.06
N VAL B 91 -12.56 10.00 21.30
CA VAL B 91 -11.68 8.85 21.49
C VAL B 91 -10.20 9.21 21.29
N TYR B 92 -9.92 10.15 20.41
CA TYR B 92 -8.54 10.57 20.16
C TYR B 92 -7.86 11.01 21.46
N ALA B 93 -8.44 12.01 22.11
CA ALA B 93 -7.91 12.51 23.38
C ALA B 93 -7.72 11.39 24.40
N GLU B 94 -8.67 10.48 24.49
CA GLU B 94 -8.57 9.39 25.46
C GLU B 94 -7.43 8.42 25.12
N VAL B 95 -7.29 8.08 23.84
CA VAL B 95 -6.19 7.24 23.39
C VAL B 95 -4.85 7.86 23.76
N LYS B 96 -4.73 9.18 23.60
CA LYS B 96 -3.49 9.86 23.93
C LYS B 96 -3.32 9.99 25.45
N ARG B 97 -4.42 10.25 26.15
CA ARG B 97 -4.40 10.26 27.60
C ARG B 97 -3.82 8.96 28.14
N VAL B 98 -4.45 7.84 27.78
CA VAL B 98 -3.99 6.52 28.22
C VAL B 98 -2.57 6.19 27.73
N GLY B 99 -2.36 6.27 26.41
CA GLY B 99 -1.08 5.89 25.83
C GLY B 99 0.11 6.78 26.18
N ASP B 100 -0.12 8.09 26.25
CA ASP B 100 0.95 9.05 26.52
C ASP B 100 1.20 9.31 28.00
N THR B 101 0.16 9.15 28.83
CA THR B 101 0.22 9.58 30.22
C THR B 101 0.04 8.48 31.25
N VAL B 102 -0.77 7.48 30.94
CA VAL B 102 -1.07 6.46 31.93
C VAL B 102 -0.22 5.20 31.76
N LEU B 103 -0.32 4.58 30.58
CA LEU B 103 0.28 3.27 30.36
C LEU B 103 1.63 3.35 29.63
N GLY B 104 2.00 4.55 29.18
CA GLY B 104 3.21 4.74 28.42
C GLY B 104 3.32 3.76 27.26
N MET B 105 2.38 3.87 26.31
CA MET B 105 2.34 2.98 25.16
C MET B 105 2.31 3.81 23.90
N ALA B 106 3.13 3.43 22.93
CA ALA B 106 3.18 4.15 21.66
C ALA B 106 1.88 3.93 20.89
N THR B 107 1.27 5.00 20.40
CA THR B 107 0.06 4.88 19.59
C THR B 107 0.20 5.70 18.31
N GLN B 108 -0.34 5.17 17.21
CA GLN B 108 -0.42 5.91 15.96
C GLN B 108 -1.84 5.86 15.39
N CYS B 109 -2.52 7.00 15.37
CA CYS B 109 -3.89 7.07 14.85
C CYS B 109 -3.92 7.23 13.32
N VAL B 110 -4.95 6.68 12.69
CA VAL B 110 -5.14 6.80 11.24
C VAL B 110 -6.64 6.94 10.99
N GLN B 111 -7.04 7.71 9.99
CA GLN B 111 -8.46 7.83 9.66
C GLN B 111 -8.90 6.66 8.81
N MET B 112 -10.12 6.21 9.05
CA MET B 112 -10.69 5.07 8.36
C MET B 112 -10.77 5.29 6.84
N LYS B 113 -10.90 6.52 6.40
CA LYS B 113 -10.97 6.79 4.96
C LYS B 113 -9.69 6.35 4.24
N ASN B 114 -8.58 6.32 4.98
CA ASN B 114 -7.28 5.97 4.40
C ASN B 114 -6.91 4.53 4.63
N VAL B 115 -7.80 3.80 5.32
CA VAL B 115 -7.68 2.36 5.50
C VAL B 115 -8.59 1.68 4.47
N GLN B 116 -9.72 2.32 4.20
CA GLN B 116 -10.73 1.80 3.27
C GLN B 116 -10.19 1.79 1.84
N ARG B 117 -9.50 2.86 1.49
CA ARG B 117 -8.79 2.96 0.22
C ARG B 117 -7.44 3.56 0.56
N THR B 118 -6.35 2.92 0.14
CA THR B 118 -5.03 3.46 0.40
C THR B 118 -4.45 4.11 -0.86
N THR B 119 -3.50 5.02 -0.68
CA THR B 119 -2.66 5.47 -1.77
C THR B 119 -1.23 5.49 -1.27
N PRO B 120 -0.26 5.49 -2.19
CA PRO B 120 1.12 5.55 -1.72
C PRO B 120 1.39 6.80 -0.91
N GLN B 121 0.79 7.91 -1.30
CA GLN B 121 1.02 9.15 -0.56
C GLN B 121 0.45 9.09 0.85
N THR B 122 -0.73 8.52 1.02
CA THR B 122 -1.28 8.44 2.37
C THR B 122 -0.53 7.42 3.25
N LEU B 123 -0.11 6.30 2.65
CA LEU B 123 0.72 5.35 3.39
C LEU B 123 2.06 5.97 3.79
N SER B 124 2.63 6.74 2.86
CA SER B 124 3.88 7.47 3.13
C SER B 124 3.70 8.44 4.30
N ASN B 125 2.63 9.21 4.29
CA ASN B 125 2.27 10.09 5.40
C ASN B 125 2.30 9.33 6.73
N LEU B 126 1.69 8.15 6.74
CA LEU B 126 1.56 7.36 7.95
C LEU B 126 2.90 6.84 8.44
N CYS B 127 3.72 6.36 7.50
CA CYS B 127 5.03 5.83 7.83
C CYS B 127 5.94 6.90 8.42
N LEU B 128 5.79 8.13 7.94
CA LEU B 128 6.60 9.25 8.41
C LEU B 128 6.21 9.54 9.86
N LYS B 129 4.91 9.53 10.13
CA LYS B 129 4.39 9.71 11.50
C LYS B 129 4.85 8.59 12.42
N ILE B 130 4.81 7.36 11.92
CA ILE B 130 5.23 6.20 12.71
C ILE B 130 6.72 6.28 13.02
N ASN B 131 7.50 6.75 12.06
CA ASN B 131 8.94 6.79 12.21
C ASN B 131 9.35 7.76 13.31
N VAL B 132 8.67 8.90 13.37
CA VAL B 132 8.96 9.91 14.39
C VAL B 132 8.65 9.39 15.80
N LYS B 133 7.58 8.61 15.92
CA LYS B 133 7.15 8.11 17.23
C LYS B 133 8.05 7.02 17.76
N LEU B 134 8.62 6.23 16.86
CA LEU B 134 9.39 5.06 17.26
C LEU B 134 10.89 5.24 17.12
N GLY B 135 11.28 6.30 16.42
CA GLY B 135 12.67 6.51 16.07
C GLY B 135 13.55 7.01 17.20
N GLN C 4 -0.24 -12.24 4.05
CA GLN C 4 -1.58 -12.81 4.18
C GLN C 4 -2.45 -12.42 2.98
N PHE C 5 -2.94 -11.18 2.97
CA PHE C 5 -3.71 -10.67 1.84
C PHE C 5 -2.82 -10.59 0.61
N HIS C 6 -3.31 -11.07 -0.53
CA HIS C 6 -2.52 -11.05 -1.76
C HIS C 6 -2.86 -9.86 -2.65
N THR C 7 -1.83 -9.10 -3.01
CA THR C 7 -1.99 -7.97 -3.88
C THR C 7 -1.85 -8.46 -5.32
N GLY C 8 -2.18 -7.61 -6.27
CA GLY C 8 -1.93 -7.93 -7.67
C GLY C 8 -3.05 -8.62 -8.41
N ILE C 9 -4.02 -9.13 -7.67
CA ILE C 9 -5.17 -9.78 -8.28
C ILE C 9 -6.03 -8.78 -9.07
N GLU C 10 -6.29 -9.08 -10.33
CA GLU C 10 -7.32 -8.36 -11.12
C GLU C 10 -8.21 -9.39 -11.78
N ILE C 11 -9.49 -9.40 -11.41
CA ILE C 11 -10.42 -10.37 -11.98
C ILE C 11 -11.15 -9.78 -13.17
N LYS C 12 -10.70 -10.12 -14.38
CA LYS C 12 -11.29 -9.50 -15.58
C LYS C 12 -12.29 -10.39 -16.31
N VAL C 13 -12.06 -11.70 -16.29
CA VAL C 13 -12.97 -12.65 -16.91
C VAL C 13 -13.59 -13.52 -15.83
N TRP C 14 -14.86 -13.28 -15.53
CA TRP C 14 -15.54 -14.04 -14.49
C TRP C 14 -17.01 -14.19 -14.82
N ALA C 15 -17.65 -15.20 -14.24
CA ALA C 15 -19.01 -15.57 -14.61
C ALA C 15 -19.86 -15.80 -13.37
N ILE C 16 -21.17 -15.70 -13.53
CA ILE C 16 -22.09 -15.98 -12.45
C ILE C 16 -22.96 -17.18 -12.83
N ALA C 17 -22.98 -18.17 -11.93
CA ALA C 17 -23.88 -19.30 -12.06
C ALA C 17 -24.83 -19.22 -10.88
N CYS C 18 -26.09 -18.89 -11.14
CA CYS C 18 -27.04 -18.73 -10.05
C CYS C 18 -27.92 -19.97 -9.93
N PHE C 19 -27.70 -20.74 -8.87
CA PHE C 19 -28.51 -21.91 -8.61
C PHE C 19 -29.67 -21.58 -7.66
N ALA C 20 -29.76 -20.33 -7.21
CA ALA C 20 -30.94 -19.86 -6.48
C ALA C 20 -32.04 -19.56 -7.49
N PRO C 21 -33.31 -19.82 -7.11
CA PRO C 21 -34.39 -19.61 -8.08
C PRO C 21 -34.46 -18.13 -8.51
N GLN C 22 -34.74 -17.88 -9.78
CA GLN C 22 -34.83 -16.51 -10.29
C GLN C 22 -35.87 -15.68 -9.55
N ARG C 23 -37.02 -16.29 -9.28
CA ARG C 23 -38.09 -15.57 -8.61
C ARG C 23 -37.63 -15.09 -7.24
N GLN C 24 -36.58 -15.70 -6.72
CA GLN C 24 -36.09 -15.32 -5.40
C GLN C 24 -34.90 -14.40 -5.49
N CYS C 25 -34.12 -14.55 -6.55
CA CYS C 25 -32.89 -13.79 -6.69
C CYS C 25 -32.82 -13.30 -8.12
N THR C 26 -33.47 -12.16 -8.35
CA THR C 26 -33.70 -11.64 -9.69
C THR C 26 -32.47 -11.01 -10.31
N GLU C 27 -32.54 -10.72 -11.60
CA GLU C 27 -31.41 -10.10 -12.28
C GLU C 27 -31.01 -8.81 -11.62
N VAL C 28 -31.98 -8.03 -11.16
CA VAL C 28 -31.66 -6.74 -10.58
C VAL C 28 -30.96 -6.91 -9.23
N HIS C 29 -31.31 -7.96 -8.50
CA HIS C 29 -30.55 -8.36 -7.31
C HIS C 29 -29.12 -8.69 -7.66
N LEU C 30 -28.92 -9.50 -8.71
CA LEU C 30 -27.58 -9.89 -9.11
C LEU C 30 -26.72 -8.72 -9.57
N LYS C 31 -27.33 -7.80 -10.30
CA LYS C 31 -26.57 -6.67 -10.84
C LYS C 31 -26.23 -5.67 -9.73
N SER C 32 -27.14 -5.53 -8.78
CA SER C 32 -26.92 -4.67 -7.62
C SER C 32 -25.77 -5.22 -6.79
N PHE C 33 -25.83 -6.52 -6.52
CA PHE C 33 -24.79 -7.23 -5.77
C PHE C 33 -23.42 -7.07 -6.44
N THR C 34 -23.40 -7.23 -7.76
CA THR C 34 -22.18 -7.11 -8.54
C THR C 34 -21.54 -5.74 -8.43
N GLU C 35 -22.36 -4.69 -8.55
CA GLU C 35 -21.84 -3.33 -8.43
C GLU C 35 -21.21 -3.13 -7.05
N GLN C 36 -21.89 -3.61 -6.01
CA GLN C 36 -21.35 -3.53 -4.64
C GLN C 36 -20.07 -4.33 -4.45
N LEU C 37 -20.03 -5.53 -5.02
CA LEU C 37 -18.81 -6.35 -4.95
C LEU C 37 -17.68 -5.66 -5.69
N ARG C 38 -18.00 -5.12 -6.86
CA ARG C 38 -17.08 -4.35 -7.67
C ARG C 38 -16.40 -3.24 -6.87
N LYS C 39 -17.20 -2.44 -6.16
CA LYS C 39 -16.69 -1.32 -5.36
C LYS C 39 -15.72 -1.75 -4.27
N ILE C 40 -16.13 -2.70 -3.43
CA ILE C 40 -15.29 -3.07 -2.30
C ILE C 40 -14.01 -3.80 -2.77
N SER C 41 -14.12 -4.61 -3.83
CA SER C 41 -12.98 -5.33 -4.36
C SER C 41 -11.97 -4.35 -4.92
N ARG C 42 -12.48 -3.29 -5.56
CA ARG C 42 -11.63 -2.24 -6.10
C ARG C 42 -10.88 -1.54 -4.97
N ASP C 43 -11.63 -1.16 -3.94
CA ASP C 43 -11.04 -0.46 -2.81
C ASP C 43 -9.97 -1.29 -2.10
N ALA C 44 -10.18 -2.60 -2.01
CA ALA C 44 -9.22 -3.47 -1.33
C ALA C 44 -8.09 -3.90 -2.26
N GLY C 45 -8.05 -3.33 -3.45
CA GLY C 45 -6.99 -3.63 -4.38
C GLY C 45 -6.97 -5.04 -4.92
N MET C 46 -8.16 -5.63 -5.10
CA MET C 46 -8.31 -6.88 -5.85
C MET C 46 -9.51 -6.71 -6.76
N PRO C 47 -9.45 -5.73 -7.67
CA PRO C 47 -10.57 -5.32 -8.52
C PRO C 47 -11.22 -6.45 -9.31
N ILE C 48 -12.51 -6.64 -9.06
CA ILE C 48 -13.31 -7.50 -9.92
C ILE C 48 -14.03 -6.61 -10.92
N GLN C 49 -13.81 -6.88 -12.20
CA GLN C 49 -14.47 -6.14 -13.28
C GLN C 49 -16.00 -6.17 -13.19
N GLY C 50 -16.63 -5.02 -13.44
CA GLY C 50 -18.06 -4.88 -13.28
C GLY C 50 -18.91 -5.80 -14.15
N GLN C 51 -18.38 -6.26 -15.27
CA GLN C 51 -19.21 -7.04 -16.19
C GLN C 51 -18.79 -8.52 -16.28
N PRO C 52 -19.58 -9.42 -15.69
CA PRO C 52 -19.27 -10.85 -15.85
C PRO C 52 -19.43 -11.25 -17.32
N CYS C 53 -18.65 -12.22 -17.81
CA CYS C 53 -18.75 -12.63 -19.22
C CYS C 53 -19.97 -13.50 -19.49
N PHE C 54 -20.65 -13.92 -18.42
CA PHE C 54 -21.71 -14.90 -18.50
C PHE C 54 -22.48 -14.82 -17.19
N CYS C 55 -23.80 -14.86 -17.27
CA CYS C 55 -24.63 -14.87 -16.08
C CYS C 55 -25.93 -15.56 -16.39
N LYS C 56 -26.13 -16.77 -15.84
CA LYS C 56 -27.36 -17.51 -16.10
C LYS C 56 -27.86 -18.27 -14.89
N TYR C 57 -29.16 -18.61 -14.93
CA TYR C 57 -29.77 -19.39 -13.86
C TYR C 57 -29.76 -20.88 -14.20
N ALA C 58 -29.66 -21.69 -13.15
CA ALA C 58 -29.74 -23.13 -13.30
C ALA C 58 -30.36 -23.73 -12.04
N GLN C 59 -30.86 -24.95 -12.16
CA GLN C 59 -31.44 -25.65 -11.01
C GLN C 59 -30.94 -27.10 -10.92
N GLY C 60 -30.52 -27.48 -9.72
CA GLY C 60 -30.12 -28.85 -9.43
C GLY C 60 -28.64 -29.16 -9.60
N ALA C 61 -28.11 -30.01 -8.72
CA ALA C 61 -26.73 -30.45 -8.81
C ALA C 61 -26.44 -30.98 -10.20
N ASP C 62 -27.43 -31.63 -10.81
CA ASP C 62 -27.25 -32.23 -12.14
C ASP C 62 -27.01 -31.22 -13.26
N SER C 63 -27.30 -29.95 -13.01
CA SER C 63 -27.09 -28.93 -14.03
C SER C 63 -25.67 -28.38 -14.00
N VAL C 64 -24.96 -28.66 -12.91
CA VAL C 64 -23.64 -28.08 -12.69
C VAL C 64 -22.64 -28.40 -13.79
N GLU C 65 -22.39 -29.69 -14.05
CA GLU C 65 -21.32 -30.06 -14.97
C GLU C 65 -21.55 -29.61 -16.41
N PRO C 66 -22.77 -29.76 -16.92
CA PRO C 66 -23.06 -29.26 -18.28
C PRO C 66 -22.75 -27.76 -18.40
N MET C 67 -23.12 -26.99 -17.39
CA MET C 67 -22.91 -25.54 -17.45
C MET C 67 -21.42 -25.19 -17.36
N PHE C 68 -20.69 -25.83 -16.44
CA PHE C 68 -19.28 -25.57 -16.23
C PHE C 68 -18.43 -25.97 -17.44
N ARG C 69 -18.74 -27.12 -18.05
CA ARG C 69 -18.08 -27.52 -19.29
C ARG C 69 -18.27 -26.45 -20.35
N HIS C 70 -19.49 -25.93 -20.46
CA HIS C 70 -19.79 -24.87 -21.41
C HIS C 70 -18.94 -23.64 -21.11
N LEU C 71 -18.91 -23.25 -19.85
CA LEU C 71 -18.12 -22.10 -19.43
C LEU C 71 -16.63 -22.28 -19.73
N LYS C 72 -16.07 -23.43 -19.35
CA LYS C 72 -14.65 -23.68 -19.60
C LYS C 72 -14.33 -23.63 -21.08
N ASN C 73 -15.17 -24.28 -21.89
CA ASN C 73 -14.93 -24.39 -23.31
C ASN C 73 -15.24 -23.13 -24.14
N THR C 74 -15.98 -22.20 -23.57
CA THR C 74 -16.42 -21.01 -24.30
C THR C 74 -15.61 -19.75 -23.96
N TYR C 75 -15.25 -19.60 -22.69
CA TYR C 75 -14.58 -18.38 -22.26
C TYR C 75 -13.11 -18.59 -21.93
N ALA C 76 -12.26 -18.27 -22.90
CA ALA C 76 -10.82 -18.32 -22.72
C ALA C 76 -10.45 -17.24 -21.70
N GLY C 77 -9.61 -17.60 -20.74
CA GLY C 77 -9.18 -16.66 -19.71
C GLY C 77 -10.09 -16.63 -18.50
N LEU C 78 -11.15 -17.43 -18.50
CA LEU C 78 -12.07 -17.51 -17.37
C LEU C 78 -11.25 -17.65 -16.11
N GLN C 79 -11.40 -16.73 -15.17
CA GLN C 79 -10.64 -16.79 -13.94
C GLN C 79 -11.45 -17.34 -12.78
N LEU C 80 -12.76 -17.15 -12.81
CA LEU C 80 -13.59 -17.46 -11.65
C LEU C 80 -15.05 -17.62 -12.04
N VAL C 81 -15.71 -18.62 -11.46
CA VAL C 81 -17.15 -18.74 -11.53
C VAL C 81 -17.73 -18.49 -10.14
N VAL C 82 -18.56 -17.45 -10.03
CA VAL C 82 -19.20 -17.11 -8.76
C VAL C 82 -20.54 -17.82 -8.74
N VAL C 83 -20.72 -18.69 -7.74
CA VAL C 83 -21.88 -19.58 -7.71
C VAL C 83 -22.84 -19.21 -6.58
N ILE C 84 -24.07 -18.85 -6.91
CA ILE C 84 -25.02 -18.50 -5.86
C ILE C 84 -25.85 -19.72 -5.49
N LEU C 85 -25.87 -20.03 -4.20
CA LEU C 85 -26.50 -21.25 -3.68
C LEU C 85 -27.73 -20.94 -2.83
N PRO C 86 -28.83 -21.64 -3.10
CA PRO C 86 -30.07 -21.49 -2.34
C PRO C 86 -29.97 -22.28 -1.04
N GLY C 87 -29.21 -21.78 -0.08
CA GLY C 87 -29.05 -22.45 1.18
C GLY C 87 -28.21 -23.72 1.14
N LYS C 88 -28.43 -24.61 2.11
CA LYS C 88 -27.73 -25.88 2.14
C LYS C 88 -28.27 -26.78 1.04
N THR C 89 -27.36 -27.30 0.22
CA THR C 89 -27.75 -27.99 -0.99
C THR C 89 -26.63 -28.91 -1.50
N PRO C 90 -27.03 -30.04 -2.09
CA PRO C 90 -26.07 -30.96 -2.71
C PRO C 90 -25.36 -30.24 -3.84
N VAL C 91 -25.93 -29.11 -4.31
CA VAL C 91 -25.24 -28.35 -5.35
C VAL C 91 -23.82 -28.01 -4.96
N TYR C 92 -23.58 -27.65 -3.70
CA TYR C 92 -22.25 -27.24 -3.29
C TYR C 92 -21.19 -28.33 -3.54
N ALA C 93 -21.48 -29.56 -3.08
CA ALA C 93 -20.55 -30.67 -3.27
C ALA C 93 -20.22 -30.90 -4.75
N GLU C 94 -21.24 -30.77 -5.59
CA GLU C 94 -21.09 -31.00 -7.02
C GLU C 94 -20.26 -29.90 -7.67
N VAL C 95 -20.49 -28.64 -7.28
CA VAL C 95 -19.71 -27.52 -7.79
C VAL C 95 -18.23 -27.78 -7.56
N LYS C 96 -17.91 -28.18 -6.34
CA LYS C 96 -16.55 -28.47 -5.97
C LYS C 96 -15.97 -29.71 -6.67
N ARG C 97 -16.73 -30.79 -6.76
CA ARG C 97 -16.31 -31.95 -7.54
C ARG C 97 -15.99 -31.53 -8.98
N VAL C 98 -16.92 -30.82 -9.62
CA VAL C 98 -16.72 -30.46 -11.02
C VAL C 98 -15.58 -29.44 -11.19
N GLY C 99 -15.56 -28.42 -10.33
CA GLY C 99 -14.53 -27.40 -10.42
C GLY C 99 -13.15 -27.89 -10.02
N ASP C 100 -13.06 -28.50 -8.84
CA ASP C 100 -11.75 -28.88 -8.31
C ASP C 100 -11.16 -30.15 -8.94
N THR C 101 -12.02 -31.09 -9.30
CA THR C 101 -11.57 -32.44 -9.69
C THR C 101 -11.80 -32.77 -11.16
N VAL C 102 -12.97 -32.43 -11.67
CA VAL C 102 -13.26 -32.75 -13.05
C VAL C 102 -12.62 -31.78 -14.03
N LEU C 103 -12.84 -30.47 -13.83
CA LEU C 103 -12.50 -29.51 -14.86
C LEU C 103 -11.33 -28.58 -14.54
N GLY C 104 -10.95 -28.47 -13.27
CA GLY C 104 -9.91 -27.55 -12.85
C GLY C 104 -10.26 -26.08 -13.09
N MET C 105 -11.41 -25.64 -12.59
CA MET C 105 -11.85 -24.25 -12.70
C MET C 105 -12.09 -23.67 -11.31
N ALA C 106 -11.56 -22.48 -11.03
CA ALA C 106 -11.82 -21.84 -9.75
C ALA C 106 -13.31 -21.47 -9.62
N THR C 107 -13.87 -21.76 -8.45
CA THR C 107 -15.26 -21.42 -8.16
C THR C 107 -15.31 -20.80 -6.78
N GLN C 108 -16.23 -19.85 -6.60
CA GLN C 108 -16.45 -19.22 -5.32
C GLN C 108 -17.94 -19.22 -5.03
N CYS C 109 -18.33 -19.93 -3.98
CA CYS C 109 -19.74 -20.04 -3.62
C CYS C 109 -20.18 -18.91 -2.70
N VAL C 110 -21.44 -18.50 -2.82
CA VAL C 110 -22.00 -17.46 -1.96
C VAL C 110 -23.47 -17.78 -1.68
N GLN C 111 -23.92 -17.49 -0.47
CA GLN C 111 -25.29 -17.78 -0.08
C GLN C 111 -26.23 -16.78 -0.72
N MET C 112 -27.35 -17.27 -1.25
CA MET C 112 -28.36 -16.44 -1.89
C MET C 112 -28.75 -15.24 -1.04
N LYS C 113 -28.87 -15.44 0.26
CA LYS C 113 -29.34 -14.36 1.14
C LYS C 113 -28.37 -13.17 1.20
N ASN C 114 -27.08 -13.45 1.06
CA ASN C 114 -26.06 -12.39 1.04
C ASN C 114 -25.94 -11.72 -0.31
N VAL C 115 -26.68 -12.23 -1.30
CA VAL C 115 -26.77 -11.58 -2.59
C VAL C 115 -28.02 -10.71 -2.59
N GLN C 116 -29.08 -11.19 -1.95
CA GLN C 116 -30.31 -10.43 -1.84
C GLN C 116 -30.15 -9.22 -0.92
N ARG C 117 -29.36 -9.40 0.14
CA ARG C 117 -29.08 -8.34 1.11
C ARG C 117 -27.58 -8.28 1.34
N THR C 118 -26.87 -7.38 0.65
CA THR C 118 -25.44 -7.28 0.86
C THR C 118 -25.14 -6.41 2.09
N THR C 119 -24.03 -6.72 2.76
CA THR C 119 -23.50 -5.86 3.79
C THR C 119 -21.99 -5.81 3.58
N PRO C 120 -21.34 -4.75 4.09
CA PRO C 120 -19.88 -4.70 3.97
C PRO C 120 -19.21 -5.95 4.52
N GLN C 121 -19.62 -6.42 5.69
CA GLN C 121 -18.98 -7.59 6.29
C GLN C 121 -19.05 -8.86 5.43
N THR C 122 -20.21 -9.13 4.83
CA THR C 122 -20.36 -10.33 3.99
C THR C 122 -19.64 -10.19 2.65
N LEU C 123 -19.60 -8.99 2.09
CA LEU C 123 -18.80 -8.76 0.89
C LEU C 123 -17.31 -8.93 1.21
N SER C 124 -16.89 -8.43 2.38
CA SER C 124 -15.50 -8.63 2.83
C SER C 124 -15.18 -10.12 2.96
N ASN C 125 -16.07 -10.85 3.62
CA ASN C 125 -15.87 -12.29 3.77
C ASN C 125 -15.61 -12.89 2.42
N LEU C 126 -16.43 -12.52 1.45
CA LEU C 126 -16.35 -13.09 0.11
C LEU C 126 -15.06 -12.73 -0.61
N CYS C 127 -14.68 -11.46 -0.58
CA CYS C 127 -13.40 -11.01 -1.15
C CYS C 127 -12.20 -11.73 -0.53
N LEU C 128 -12.23 -11.99 0.76
CA LEU C 128 -11.10 -12.67 1.39
C LEU C 128 -11.02 -14.12 0.91
N LYS C 129 -12.17 -14.76 0.75
CA LYS C 129 -12.25 -16.11 0.20
C LYS C 129 -11.68 -16.19 -1.22
N ILE C 130 -12.03 -15.21 -2.05
CA ILE C 130 -11.56 -15.14 -3.44
C ILE C 130 -10.06 -14.87 -3.46
N ASN C 131 -9.61 -14.03 -2.55
CA ASN C 131 -8.22 -13.65 -2.51
C ASN C 131 -7.35 -14.88 -2.24
N VAL C 132 -7.80 -15.74 -1.34
CA VAL C 132 -7.11 -16.98 -1.07
C VAL C 132 -7.06 -17.89 -2.30
N LYS C 133 -8.21 -18.04 -2.97
CA LYS C 133 -8.32 -18.92 -4.12
C LYS C 133 -7.47 -18.51 -5.33
N LEU C 134 -7.29 -17.21 -5.53
CA LEU C 134 -6.57 -16.75 -6.70
C LEU C 134 -5.27 -16.07 -6.34
N GLY C 135 -4.88 -16.17 -5.07
CA GLY C 135 -3.68 -15.51 -4.60
C GLY C 135 -2.40 -16.29 -4.88
N1 U5P D . 19.70 7.95 -15.84
C2 U5P D . 18.27 7.66 -15.83
N3 U5P D . 17.47 7.92 -17.05
C4 U5P D . 18.05 8.51 -18.21
C5 U5P D . 19.53 8.82 -18.21
C6 U5P D . 20.36 8.40 -17.05
O2 U5P D . 17.69 7.30 -14.81
O4 U5P D . 17.35 8.73 -19.19
C1' U5P D . 20.62 7.75 -14.79
C2' U5P D . 21.50 6.58 -14.90
O2' U5P D . 20.89 5.34 -14.89
C3' U5P D . 22.51 6.86 -13.89
C4' U5P D . 22.65 8.34 -13.90
O3' U5P D . 22.75 6.04 -12.71
O4' U5P D . 21.53 8.84 -14.58
C5' U5P D . 23.96 9.07 -13.94
O5' U5P D . 23.78 10.42 -13.83
P U5P D . 25.01 11.35 -13.79
O1P U5P D . 26.15 10.67 -13.06
O2P U5P D . 25.44 11.69 -15.26
O3P U5P D . 24.57 12.62 -13.02
N1 U5P E . -7.32 12.30 14.10
C2 U5P E . -8.68 11.80 14.03
N3 U5P E . -9.60 12.11 15.14
C4 U5P E . -9.33 13.21 16.02
C5 U5P E . -7.95 13.81 16.02
C6 U5P E . -6.91 13.22 15.14
O2 U5P E . -8.90 10.86 13.27
O4 U5P E . -10.16 13.56 16.85
C1' U5P E . -6.23 11.85 13.29
C2' U5P E . -5.64 12.82 12.38
O2' U5P E . -6.45 13.18 11.31
C3' U5P E . -4.35 12.18 12.04
C4' U5P E . -3.98 11.44 13.28
O3' U5P E . -3.97 11.76 10.71
O4' U5P E . -5.17 11.27 14.04
C5' U5P E . -2.66 11.55 13.97
O5' U5P E . -2.53 10.68 15.03
P U5P E . -1.22 10.68 15.88
O1P U5P E . -0.04 10.83 14.92
O2P U5P E . -1.24 11.88 16.86
O3P U5P E . -1.15 9.33 16.63
N1 U5P F . -22.56 -22.81 1.05
C2 U5P F . -24.00 -22.73 0.78
N3 U5P F . -24.78 -23.98 0.63
C4 U5P F . -24.17 -25.27 0.92
C5 U5P F . -22.73 -25.32 1.33
C6 U5P F . -21.92 -24.08 1.39
O2 U5P F . -24.57 -21.66 0.65
O4 U5P F . -24.80 -26.27 0.62
C1' U5P F . -21.63 -21.74 1.11
C2' U5P F . -21.20 -21.41 2.46
O2' U5P F . -22.16 -20.78 3.25
C3' U5P F . -19.88 -20.75 2.29
C4' U5P F . -19.43 -21.13 0.92
O3' U5P F . -19.40 -19.60 3.06
O4' U5P F . -20.43 -21.94 0.36
C5' U5P F . -17.99 -21.31 0.58
O5' U5P F . -17.77 -21.61 -0.75
P U5P F . -16.32 -21.85 -1.24
O1P U5P F . -15.42 -20.82 -0.59
O2P U5P F . -15.85 -23.27 -0.85
O3P U5P F . -16.34 -21.69 -2.79
#